data_7X3L
#
_entry.id   7X3L
#
_cell.length_a   48.750
_cell.length_b   49.495
_cell.length_c   83.460
_cell.angle_alpha   74.980
_cell.angle_beta   74.060
_cell.angle_gamma   61.450
#
_symmetry.space_group_name_H-M   'P 1'
#
loop_
_entity.id
_entity.type
_entity.pdbx_description
1 polymer 'Aldo-keto reductase family 1 member C3'
2 non-polymer 'NADP NICOTINAMIDE-ADENINE-DINUCLEOTIDE PHOSPHATE'
3 non-polymer '(2~{R})-2-[4-(3-fluoranyl-4-methyl-phenyl)-3-(trifluoromethyl)phenyl]butanoic acid'
4 water water
#
_entity_poly.entity_id   1
_entity_poly.type   'polypeptide(L)'
_entity_poly.pdbx_seq_one_letter_code
;MHHHHHHDSKHQCVKLNDGHFMPVLGFGTYAPPEVPRSKALEVTKLAIEAGFRHIDSAHLYNNEEQVGLAIRSKIADGSV
KREDIFYTSKLWSTFHRPELVRPALENSLKKAQLDYVDLYLIHSPMSLKPGEELSPTDENGKVIFDIVDLCTTWEAMEKC
KDAGLAKSIGVSNFNRRQLEMILNKPGLKYKPVCNQVECHPYFNRSKLLDFCKSKDIVLVAYSALGSQRDKRWVDPNSPV
LLEDPVLCALAKKHKRTPALIALRYQLQRGVVVLAKSYNEQRIRQNVQVFEFQLTAEDMKAIDGLDRNLHYFNSDSFASH
PNYPYSDEY
;
_entity_poly.pdbx_strand_id   A,B
#
# COMPACT_ATOMS: atom_id res chain seq x y z
N ASP A 8 15.12 11.24 -34.18
CA ASP A 8 14.50 12.23 -33.31
C ASP A 8 14.27 11.66 -31.91
N SER A 9 14.40 12.53 -30.90
CA SER A 9 14.13 12.11 -29.53
C SER A 9 12.71 11.57 -29.38
N LYS A 10 11.75 12.14 -30.11
CA LYS A 10 10.36 11.71 -30.00
C LYS A 10 10.16 10.26 -30.43
N HIS A 11 11.08 9.70 -31.21
CA HIS A 11 10.98 8.31 -31.66
C HIS A 11 11.97 7.40 -30.95
N GLN A 12 12.31 7.75 -29.70
CA GLN A 12 13.14 6.89 -28.88
C GLN A 12 12.42 5.57 -28.63
N CYS A 13 13.19 4.48 -28.63
CA CYS A 13 12.67 3.13 -28.50
C CYS A 13 13.46 2.37 -27.45
N VAL A 14 12.89 1.26 -26.98
CA VAL A 14 13.58 0.31 -26.12
C VAL A 14 13.71 -1.00 -26.87
N LYS A 15 14.88 -1.66 -26.75
CA LYS A 15 15.06 -2.95 -27.39
C LYS A 15 14.46 -4.04 -26.52
N LEU A 16 13.57 -4.84 -27.12
CA LEU A 16 12.91 -5.94 -26.42
C LEU A 16 13.81 -7.17 -26.39
N ASN A 17 13.44 -8.13 -25.54
CA ASN A 17 14.29 -9.31 -25.39
C ASN A 17 14.22 -10.26 -26.58
N ASP A 18 13.41 -9.99 -27.62
CA ASP A 18 13.43 -10.76 -28.86
C ASP A 18 14.11 -10.01 -30.00
N GLY A 19 14.81 -8.91 -29.72
CA GLY A 19 15.51 -8.14 -30.72
C GLY A 19 14.70 -7.02 -31.35
N HIS A 20 13.38 -7.02 -31.19
CA HIS A 20 12.55 -5.98 -31.77
C HIS A 20 12.62 -4.71 -30.91
N PHE A 21 12.11 -3.61 -31.48
CA PHE A 21 12.14 -2.30 -30.83
C PHE A 21 10.71 -1.77 -30.64
N MET A 22 10.47 -1.15 -29.49
CA MET A 22 9.16 -0.60 -29.12
C MET A 22 9.32 0.87 -28.75
N PRO A 23 8.53 1.77 -29.36
CA PRO A 23 8.60 3.19 -28.97
C PRO A 23 8.17 3.38 -27.52
N VAL A 24 8.91 4.25 -26.80
CA VAL A 24 8.68 4.36 -25.36
C VAL A 24 7.43 5.15 -25.00
N LEU A 25 6.82 5.85 -25.94
CA LEU A 25 5.55 6.54 -25.74
C LEU A 25 4.53 5.94 -26.68
N GLY A 26 3.39 5.51 -26.13
CA GLY A 26 2.35 4.89 -26.94
C GLY A 26 1.02 5.60 -26.77
N PHE A 27 0.19 5.51 -27.81
CA PHE A 27 -1.12 6.15 -27.81
C PHE A 27 -2.18 5.17 -27.32
N GLY A 28 -2.95 5.56 -26.31
CA GLY A 28 -4.04 4.72 -25.81
C GLY A 28 -5.33 5.00 -26.58
N THR A 29 -6.01 3.93 -26.99
CA THR A 29 -7.16 4.10 -27.87
C THR A 29 -8.49 3.72 -27.22
N TYR A 30 -8.50 3.21 -25.99
CA TYR A 30 -9.78 2.80 -25.43
C TYR A 30 -10.66 4.01 -25.16
N ALA A 31 -11.90 3.94 -25.60
CA ALA A 31 -12.92 4.87 -25.17
C ALA A 31 -14.19 4.09 -24.80
N PRO A 32 -14.95 4.59 -23.83
CA PRO A 32 -16.18 3.89 -23.40
C PRO A 32 -17.16 3.71 -24.55
N PRO A 33 -18.04 2.71 -24.47
CA PRO A 33 -18.93 2.43 -25.61
C PRO A 33 -19.89 3.55 -25.95
N GLU A 34 -20.09 4.53 -25.05
CA GLU A 34 -20.94 5.66 -25.39
C GLU A 34 -20.23 6.69 -26.27
N VAL A 35 -18.95 6.52 -26.53
CA VAL A 35 -18.21 7.35 -27.49
C VAL A 35 -18.41 6.72 -28.87
N PRO A 36 -18.93 7.46 -29.86
CA PRO A 36 -19.10 6.88 -31.20
C PRO A 36 -17.76 6.44 -31.78
N ARG A 37 -17.79 5.34 -32.50
CA ARG A 37 -16.56 4.74 -33.07
C ARG A 37 -15.86 5.66 -34.06
N SER A 38 -16.55 6.63 -34.62
CA SER A 38 -15.91 7.54 -35.57
C SER A 38 -14.80 8.34 -34.90
N LYS A 39 -14.87 8.53 -33.59
CA LYS A 39 -13.86 9.30 -32.87
C LYS A 39 -12.52 8.57 -32.84
N ALA A 40 -12.53 7.25 -32.60
CA ALA A 40 -11.29 6.50 -32.59
C ALA A 40 -10.56 6.63 -33.91
N LEU A 41 -11.32 6.63 -35.02
CA LEU A 41 -10.72 6.87 -36.33
C LEU A 41 -10.09 8.26 -36.38
N GLU A 42 -10.85 9.29 -36.00
CA GLU A 42 -10.34 10.66 -36.06
C GLU A 42 -9.12 10.85 -35.16
N VAL A 43 -9.18 10.36 -33.92
CA VAL A 43 -8.11 10.73 -32.99
C VAL A 43 -6.86 9.88 -33.22
N THR A 44 -6.99 8.66 -33.76
CA THR A 44 -5.78 7.92 -34.09
C THR A 44 -5.03 8.59 -35.22
N LYS A 45 -5.73 9.16 -36.20
CA LYS A 45 -5.06 9.98 -37.21
C LYS A 45 -4.35 11.16 -36.56
N LEU A 46 -5.04 11.87 -35.66
CA LEU A 46 -4.43 13.00 -34.96
C LEU A 46 -3.18 12.57 -34.20
N ALA A 47 -3.22 11.40 -33.54
CA ALA A 47 -2.06 10.92 -32.78
C ALA A 47 -0.86 10.68 -33.68
N ILE A 48 -1.07 10.04 -34.84
CA ILE A 48 0.02 9.81 -35.78
C ILE A 48 0.56 11.13 -36.32
N GLU A 49 -0.34 12.07 -36.63
CA GLU A 49 0.07 13.40 -37.06
C GLU A 49 0.94 14.07 -36.01
N ALA A 50 0.59 13.93 -34.74
CA ALA A 50 1.35 14.54 -33.66
C ALA A 50 2.70 13.88 -33.46
N GLY A 51 2.89 12.66 -33.94
CA GLY A 51 4.16 11.97 -33.81
C GLY A 51 4.13 10.69 -32.99
N PHE A 52 2.97 10.25 -32.52
CA PHE A 52 2.84 8.92 -31.95
C PHE A 52 3.09 7.87 -33.03
N ARG A 53 3.85 6.84 -32.68
CA ARG A 53 4.09 5.72 -33.57
C ARG A 53 3.71 4.38 -32.96
N HIS A 54 3.63 4.30 -31.63
CA HIS A 54 3.16 3.14 -30.88
C HIS A 54 1.67 3.34 -30.60
N ILE A 55 0.82 2.43 -31.08
CA ILE A 55 -0.63 2.53 -30.96
CA ILE A 55 -0.64 2.53 -30.96
C ILE A 55 -1.13 1.29 -30.23
N ASP A 56 -1.83 1.49 -29.09
CA ASP A 56 -2.29 0.40 -28.24
C ASP A 56 -3.78 0.15 -28.41
N SER A 57 -4.12 -1.01 -28.95
CA SER A 57 -5.52 -1.41 -29.11
C SER A 57 -5.74 -2.82 -28.57
N ALA A 58 -6.92 -3.39 -28.82
CA ALA A 58 -7.34 -4.67 -28.28
C ALA A 58 -8.67 -5.08 -28.89
N HIS A 59 -8.90 -6.39 -28.98
CA HIS A 59 -10.21 -6.86 -29.40
C HIS A 59 -11.31 -6.29 -28.51
N LEU A 60 -11.03 -6.18 -27.21
CA LEU A 60 -12.06 -5.74 -26.27
C LEU A 60 -12.57 -4.33 -26.58
N TYR A 61 -11.71 -3.47 -27.17
CA TYR A 61 -12.04 -2.05 -27.28
C TYR A 61 -13.07 -1.76 -28.37
N ASN A 62 -13.42 -2.74 -29.19
CA ASN A 62 -14.36 -2.53 -30.28
C ASN A 62 -13.92 -1.34 -31.13
N ASN A 63 -12.63 -1.30 -31.47
CA ASN A 63 -12.15 -0.20 -32.31
C ASN A 63 -11.02 -0.59 -33.25
N GLU A 64 -10.64 -1.87 -33.34
CA GLU A 64 -9.51 -2.21 -34.20
C GLU A 64 -9.79 -1.84 -35.66
N GLU A 65 -11.05 -1.90 -36.08
CA GLU A 65 -11.36 -1.50 -37.46
C GLU A 65 -11.04 -0.02 -37.69
N GLN A 66 -11.37 0.84 -36.72
CA GLN A 66 -11.16 2.27 -36.86
C GLN A 66 -9.69 2.64 -36.72
N VAL A 67 -9.00 1.98 -35.79
CA VAL A 67 -7.56 2.18 -35.61
C VAL A 67 -6.80 1.71 -36.84
N GLY A 68 -7.22 0.57 -37.39
CA GLY A 68 -6.60 0.09 -38.62
C GLY A 68 -6.88 1.01 -39.79
N LEU A 69 -8.07 1.60 -39.83
CA LEU A 69 -8.39 2.55 -40.91
C LEU A 69 -7.54 3.80 -40.80
N ALA A 70 -7.31 4.28 -39.58
CA ALA A 70 -6.47 5.46 -39.39
C ALA A 70 -5.05 5.21 -39.83
N ILE A 71 -4.49 4.06 -39.46
CA ILE A 71 -3.14 3.71 -39.90
C ILE A 71 -3.07 3.67 -41.42
N ARG A 72 -4.03 2.98 -42.03
CA ARG A 72 -4.10 2.88 -43.49
C ARG A 72 -4.16 4.27 -44.14
N SER A 73 -4.95 5.17 -43.56
CA SER A 73 -5.07 6.50 -44.15
CA SER A 73 -5.08 6.50 -44.14
C SER A 73 -3.77 7.28 -44.05
N LYS A 74 -3.07 7.17 -42.91
CA LYS A 74 -1.82 7.90 -42.77
C LYS A 74 -0.70 7.27 -43.59
N ILE A 75 -0.81 6.00 -43.93
CA ILE A 75 0.13 5.40 -44.88
C ILE A 75 -0.16 5.92 -46.29
N ALA A 76 -1.44 6.05 -46.63
CA ALA A 76 -1.83 6.44 -47.98
C ALA A 76 -1.45 7.89 -48.31
N ASP A 77 -1.49 8.79 -47.33
CA ASP A 77 -1.12 10.18 -47.59
C ASP A 77 0.37 10.44 -47.38
N GLY A 78 1.17 9.40 -47.15
CA GLY A 78 2.60 9.50 -47.07
C GLY A 78 3.17 9.98 -45.76
N SER A 79 2.35 10.05 -44.69
CA SER A 79 2.86 10.49 -43.40
C SER A 79 3.78 9.46 -42.78
N VAL A 80 3.53 8.17 -43.03
CA VAL A 80 4.20 7.09 -42.32
C VAL A 80 4.20 5.86 -43.22
N LYS A 81 5.14 4.96 -42.98
CA LYS A 81 5.11 3.62 -43.56
C LYS A 81 4.61 2.64 -42.51
N ARG A 82 4.06 1.51 -42.96
CA ARG A 82 3.64 0.47 -42.02
C ARG A 82 4.79 0.10 -41.07
N GLU A 83 6.01 0.03 -41.60
CA GLU A 83 7.16 -0.34 -40.78
C GLU A 83 7.50 0.69 -39.71
N ASP A 84 7.00 1.93 -39.83
CA ASP A 84 7.25 2.94 -38.81
C ASP A 84 6.24 2.89 -37.67
N ILE A 85 5.18 2.10 -37.80
CA ILE A 85 4.11 2.02 -36.81
C ILE A 85 4.31 0.76 -35.98
N PHE A 86 4.16 0.88 -34.66
CA PHE A 86 4.17 -0.25 -33.72
C PHE A 86 2.73 -0.46 -33.25
N TYR A 87 2.06 -1.48 -33.77
CA TYR A 87 0.65 -1.72 -33.47
C TYR A 87 0.51 -2.88 -32.49
N THR A 88 -0.23 -2.65 -31.40
CA THR A 88 -0.44 -3.66 -30.35
C THR A 88 -1.90 -4.10 -30.38
N SER A 89 -2.12 -5.40 -30.36
CA SER A 89 -3.45 -5.92 -30.05
C SER A 89 -3.36 -6.87 -28.87
N LYS A 90 -4.53 -7.30 -28.39
CA LYS A 90 -4.60 -8.11 -27.18
C LYS A 90 -5.64 -9.21 -27.34
N LEU A 91 -5.26 -10.40 -26.90
CA LEU A 91 -6.16 -11.56 -26.87
C LEU A 91 -7.15 -11.39 -25.73
N TRP A 92 -8.45 -11.40 -26.02
CA TRP A 92 -9.41 -11.24 -24.95
C TRP A 92 -9.59 -12.56 -24.18
N SER A 93 -10.06 -12.44 -22.93
CA SER A 93 -10.06 -13.51 -21.95
C SER A 93 -11.02 -14.65 -22.25
N THR A 94 -11.96 -14.46 -23.17
CA THR A 94 -12.78 -15.57 -23.64
C THR A 94 -12.08 -16.43 -24.67
N PHE A 95 -10.84 -16.10 -25.06
CA PHE A 95 -10.13 -16.79 -26.12
C PHE A 95 -8.83 -17.42 -25.59
N HIS A 96 -8.77 -17.70 -24.28
CA HIS A 96 -7.55 -18.23 -23.68
C HIS A 96 -7.31 -19.68 -24.05
N ARG A 97 -8.36 -20.45 -24.30
CA ARG A 97 -8.16 -21.85 -24.64
C ARG A 97 -7.29 -21.91 -25.90
N PRO A 98 -6.28 -22.78 -25.93
CA PRO A 98 -5.20 -22.62 -26.93
C PRO A 98 -5.69 -22.70 -28.36
N GLU A 99 -6.70 -23.52 -28.63
CA GLU A 99 -7.22 -23.62 -30.00
C GLU A 99 -7.93 -22.34 -30.45
N LEU A 100 -8.26 -21.43 -29.53
CA LEU A 100 -8.92 -20.18 -29.88
C LEU A 100 -7.96 -19.03 -30.14
N VAL A 101 -6.67 -19.18 -29.84
CA VAL A 101 -5.74 -18.06 -29.84
C VAL A 101 -5.46 -17.58 -31.27
N ARG A 102 -4.93 -18.46 -32.11
CA ARG A 102 -4.63 -18.03 -33.47
C ARG A 102 -5.85 -17.51 -34.23
N PRO A 103 -7.03 -18.15 -34.17
CA PRO A 103 -8.18 -17.54 -34.86
C PRO A 103 -8.56 -16.17 -34.31
N ALA A 104 -8.39 -15.92 -33.00
CA ALA A 104 -8.66 -14.60 -32.48
C ALA A 104 -7.69 -13.58 -33.04
N LEU A 105 -6.40 -13.92 -33.14
CA LEU A 105 -5.43 -13.00 -33.72
C LEU A 105 -5.75 -12.74 -35.19
N GLU A 106 -6.10 -13.79 -35.94
CA GLU A 106 -6.40 -13.59 -37.35
C GLU A 106 -7.65 -12.73 -37.55
N ASN A 107 -8.61 -12.82 -36.62
CA ASN A 107 -9.79 -11.96 -36.71
C ASN A 107 -9.44 -10.50 -36.42
N SER A 108 -8.57 -10.25 -35.44
CA SER A 108 -8.12 -8.89 -35.19
C SER A 108 -7.39 -8.32 -36.41
N LEU A 109 -6.53 -9.13 -37.03
CA LEU A 109 -5.82 -8.69 -38.24
C LEU A 109 -6.80 -8.35 -39.36
N LYS A 110 -7.86 -9.13 -39.50
CA LYS A 110 -8.86 -8.88 -40.54
C LYS A 110 -9.62 -7.59 -40.26
N LYS A 111 -10.00 -7.36 -39.00
CA LYS A 111 -10.71 -6.14 -38.66
C LYS A 111 -9.84 -4.92 -38.94
N ALA A 112 -8.58 -4.96 -38.50
CA ALA A 112 -7.69 -3.82 -38.69
C ALA A 112 -7.13 -3.76 -40.10
N GLN A 113 -7.36 -4.80 -40.90
CA GLN A 113 -6.77 -4.96 -42.24
C GLN A 113 -5.27 -4.71 -42.19
N LEU A 114 -4.62 -5.45 -41.30
CA LEU A 114 -3.17 -5.50 -41.18
C LEU A 114 -2.73 -6.93 -41.47
N ASP A 115 -1.48 -7.06 -41.93
CA ASP A 115 -0.92 -8.39 -42.15
C ASP A 115 -0.27 -8.99 -40.91
N TYR A 116 0.15 -8.14 -39.96
CA TYR A 116 0.75 -8.60 -38.71
C TYR A 116 0.53 -7.52 -37.67
N VAL A 117 0.66 -7.89 -36.40
CA VAL A 117 0.74 -6.93 -35.31
C VAL A 117 2.19 -6.89 -34.84
N ASP A 118 2.62 -5.71 -34.38
CA ASP A 118 3.94 -5.66 -33.80
C ASP A 118 3.97 -6.34 -32.43
N LEU A 119 2.84 -6.36 -31.74
CA LEU A 119 2.82 -6.89 -30.38
C LEU A 119 1.45 -7.48 -30.14
N TYR A 120 1.43 -8.72 -29.64
CA TYR A 120 0.18 -9.38 -29.27
C TYR A 120 0.29 -9.78 -27.80
N LEU A 121 -0.67 -9.35 -26.99
CA LEU A 121 -0.64 -9.59 -25.55
C LEU A 121 -1.81 -10.47 -25.13
N ILE A 122 -1.56 -11.27 -24.09
CA ILE A 122 -2.66 -11.80 -23.29
C ILE A 122 -3.21 -10.63 -22.47
N HIS A 123 -4.47 -10.25 -22.73
CA HIS A 123 -5.01 -9.03 -22.13
C HIS A 123 -5.04 -9.11 -20.62
N SER A 124 -5.33 -10.28 -20.07
CA SER A 124 -5.55 -10.45 -18.64
C SER A 124 -5.40 -11.93 -18.29
N PRO A 125 -4.94 -12.25 -17.09
CA PRO A 125 -4.92 -13.68 -16.68
C PRO A 125 -6.27 -14.21 -16.26
N MET A 126 -7.30 -13.35 -16.19
CA MET A 126 -8.59 -13.75 -15.63
C MET A 126 -9.47 -14.34 -16.72
N SER A 127 -9.30 -15.64 -16.98
CA SER A 127 -10.00 -16.31 -18.06
C SER A 127 -11.52 -16.27 -17.87
N LEU A 128 -12.24 -16.12 -18.97
CA LEU A 128 -13.70 -16.09 -18.98
C LEU A 128 -14.25 -17.18 -19.90
N LYS A 129 -15.52 -17.53 -19.70
CA LYS A 129 -16.12 -18.64 -20.44
C LYS A 129 -15.98 -18.40 -21.95
N PRO A 130 -15.47 -19.38 -22.73
CA PRO A 130 -15.38 -19.17 -24.18
C PRO A 130 -16.74 -18.96 -24.81
N GLY A 131 -16.76 -18.12 -25.84
CA GLY A 131 -17.97 -17.88 -26.59
C GLY A 131 -17.89 -16.57 -27.35
N GLU A 132 -19.05 -16.15 -27.85
CA GLU A 132 -19.13 -14.93 -28.65
C GLU A 132 -19.19 -13.70 -27.76
N GLU A 133 -19.89 -13.79 -26.63
CA GLU A 133 -20.06 -12.64 -25.76
C GLU A 133 -18.73 -12.27 -25.11
N LEU A 134 -18.39 -10.97 -25.14
CA LEU A 134 -17.19 -10.53 -24.46
C LEU A 134 -17.35 -10.57 -22.96
N SER A 135 -18.55 -10.33 -22.45
CA SER A 135 -18.85 -10.36 -21.02
C SER A 135 -19.92 -11.42 -20.78
N PRO A 136 -19.56 -12.71 -20.81
CA PRO A 136 -20.57 -13.75 -20.52
C PRO A 136 -21.01 -13.67 -19.07
N THR A 137 -22.33 -13.77 -18.85
CA THR A 137 -22.90 -13.63 -17.51
C THR A 137 -23.95 -14.70 -17.28
N ASP A 138 -24.11 -15.09 -16.02
CA ASP A 138 -25.07 -16.12 -15.64
C ASP A 138 -26.45 -15.49 -15.42
N GLU A 139 -27.42 -16.33 -15.02
CA GLU A 139 -28.77 -15.85 -14.78
C GLU A 139 -28.82 -14.81 -13.67
N ASN A 140 -27.82 -14.78 -12.79
CA ASN A 140 -27.76 -13.80 -11.72
C ASN A 140 -26.81 -12.63 -12.04
N GLY A 141 -26.48 -12.45 -13.32
CA GLY A 141 -25.74 -11.28 -13.75
C GLY A 141 -24.24 -11.33 -13.52
N LYS A 142 -23.71 -12.38 -12.90
CA LYS A 142 -22.29 -12.47 -12.61
C LYS A 142 -21.52 -12.92 -13.84
N VAL A 143 -20.37 -12.28 -14.09
CA VAL A 143 -19.54 -12.68 -15.22
C VAL A 143 -18.99 -14.08 -14.98
N ILE A 144 -19.07 -14.93 -16.00
CA ILE A 144 -18.76 -16.36 -15.87
C ILE A 144 -17.28 -16.59 -16.09
N PHE A 145 -16.62 -17.18 -15.08
CA PHE A 145 -15.19 -17.45 -15.13
C PHE A 145 -14.90 -18.77 -15.87
N ASP A 146 -13.67 -18.90 -16.36
CA ASP A 146 -13.15 -20.14 -16.93
C ASP A 146 -11.82 -20.47 -16.28
N ILE A 147 -11.40 -21.72 -16.39
CA ILE A 147 -10.14 -22.21 -15.83
CA ILE A 147 -10.14 -22.19 -15.83
C ILE A 147 -9.27 -22.70 -16.98
N VAL A 148 -8.18 -21.99 -17.25
CA VAL A 148 -7.26 -22.34 -18.33
C VAL A 148 -5.83 -22.27 -17.82
N ASP A 149 -5.04 -23.31 -18.10
CA ASP A 149 -3.61 -23.26 -17.85
C ASP A 149 -2.99 -22.23 -18.80
N LEU A 150 -2.58 -21.08 -18.27
CA LEU A 150 -2.09 -20.02 -19.14
C LEU A 150 -0.77 -20.37 -19.82
N CYS A 151 -0.06 -21.40 -19.34
CA CYS A 151 1.10 -21.87 -20.09
C CYS A 151 0.70 -22.42 -21.45
N THR A 152 -0.48 -23.06 -21.55
CA THR A 152 -0.92 -23.54 -22.86
C THR A 152 -1.37 -22.38 -23.74
N THR A 153 -1.98 -21.37 -23.15
CA THR A 153 -2.27 -20.16 -23.91
C THR A 153 -0.98 -19.57 -24.49
N TRP A 154 0.07 -19.54 -23.68
CA TRP A 154 1.33 -18.94 -24.11
C TRP A 154 1.96 -19.73 -25.25
N GLU A 155 1.90 -21.07 -25.17
CA GLU A 155 2.37 -21.91 -26.26
C GLU A 155 1.65 -21.57 -27.56
N ALA A 156 0.34 -21.27 -27.49
CA ALA A 156 -0.37 -20.86 -28.70
C ALA A 156 0.09 -19.49 -29.17
N MET A 157 0.43 -18.57 -28.25
CA MET A 157 0.99 -17.27 -28.66
C MET A 157 2.34 -17.44 -29.35
N GLU A 158 3.19 -18.32 -28.80
CA GLU A 158 4.49 -18.60 -29.42
C GLU A 158 4.33 -19.07 -30.86
N LYS A 159 3.30 -19.90 -31.12
CA LYS A 159 3.05 -20.33 -32.49
C LYS A 159 2.61 -19.16 -33.37
N CYS A 160 1.93 -18.17 -32.80
CA CYS A 160 1.55 -16.98 -33.56
C CYS A 160 2.77 -16.17 -33.96
N LYS A 161 3.78 -16.08 -33.08
CA LYS A 161 5.01 -15.39 -33.44
C LYS A 161 5.78 -16.16 -34.52
N ASP A 162 5.87 -17.48 -34.37
CA ASP A 162 6.58 -18.27 -35.37
C ASP A 162 5.88 -18.22 -36.72
N ALA A 163 4.58 -17.94 -36.75
CA ALA A 163 3.86 -17.80 -38.01
C ALA A 163 3.97 -16.40 -38.60
N GLY A 164 4.68 -15.50 -37.94
CA GLY A 164 4.85 -14.14 -38.44
C GLY A 164 3.64 -13.24 -38.27
N LEU A 165 2.59 -13.72 -37.57
CA LEU A 165 1.40 -12.91 -37.33
C LEU A 165 1.62 -11.87 -36.25
N ALA A 166 2.53 -12.12 -35.31
CA ALA A 166 2.91 -11.17 -34.29
C ALA A 166 4.42 -11.09 -34.26
N LYS A 167 4.97 -9.87 -34.41
CA LYS A 167 6.42 -9.74 -34.33
C LYS A 167 6.92 -10.09 -32.93
N SER A 168 6.20 -9.65 -31.89
CA SER A 168 6.55 -9.91 -30.50
C SER A 168 5.29 -10.32 -29.75
N ILE A 169 5.48 -11.04 -28.64
CA ILE A 169 4.38 -11.43 -27.77
C ILE A 169 4.70 -11.08 -26.33
N GLY A 170 3.65 -10.78 -25.57
CA GLY A 170 3.82 -10.41 -24.18
C GLY A 170 2.52 -10.62 -23.44
N VAL A 171 2.48 -10.13 -22.19
CA VAL A 171 1.33 -10.31 -21.32
C VAL A 171 0.87 -8.98 -20.76
N SER A 172 -0.28 -9.02 -20.09
CA SER A 172 -0.84 -7.81 -19.51
C SER A 172 -1.58 -8.20 -18.25
N ASN A 173 -1.43 -7.38 -17.21
CA ASN A 173 -2.07 -7.57 -15.92
C ASN A 173 -1.60 -8.83 -15.19
N PHE A 174 -0.38 -9.31 -15.49
CA PHE A 174 0.21 -10.42 -14.76
C PHE A 174 0.92 -9.88 -13.52
N ASN A 175 0.84 -10.62 -12.40
CA ASN A 175 1.66 -10.33 -11.24
C ASN A 175 2.94 -11.18 -11.33
N ARG A 176 3.82 -11.03 -10.35
CA ARG A 176 5.10 -11.74 -10.39
C ARG A 176 4.92 -13.26 -10.43
N ARG A 177 4.01 -13.79 -9.60
CA ARG A 177 3.77 -15.24 -9.57
C ARG A 177 3.33 -15.76 -10.94
N GLN A 178 2.47 -15.02 -11.63
CA GLN A 178 1.96 -15.45 -12.93
C GLN A 178 3.04 -15.33 -14.01
N LEU A 179 3.84 -14.29 -13.95
CA LEU A 179 5.00 -14.16 -14.84
C LEU A 179 5.96 -15.32 -14.64
N GLU A 180 6.30 -15.63 -13.38
CA GLU A 180 7.21 -16.74 -13.11
C GLU A 180 6.69 -18.06 -13.66
N MET A 181 5.37 -18.23 -13.67
CA MET A 181 4.78 -19.45 -14.22
C MET A 181 5.11 -19.62 -15.70
N ILE A 182 5.10 -18.52 -16.46
CA ILE A 182 5.50 -18.56 -17.87
C ILE A 182 7.01 -18.74 -17.99
N LEU A 183 7.77 -17.99 -17.19
CA LEU A 183 9.22 -18.02 -17.33
C LEU A 183 9.80 -19.37 -16.93
N ASN A 184 9.18 -20.07 -15.99
CA ASN A 184 9.62 -21.38 -15.55
C ASN A 184 9.00 -22.53 -16.36
N LYS A 185 8.29 -22.23 -17.43
CA LYS A 185 7.59 -23.27 -18.18
C LYS A 185 8.59 -24.17 -18.91
N PRO A 186 8.49 -25.49 -18.76
CA PRO A 186 9.39 -26.38 -19.51
C PRO A 186 9.23 -26.19 -21.02
N GLY A 187 10.36 -26.12 -21.72
CA GLY A 187 10.31 -25.95 -23.16
C GLY A 187 9.90 -24.57 -23.65
N LEU A 188 9.99 -23.55 -22.79
CA LEU A 188 9.66 -22.19 -23.21
C LEU A 188 10.51 -21.78 -24.42
N LYS A 189 9.86 -21.26 -25.45
CA LYS A 189 10.57 -20.78 -26.62
C LYS A 189 10.82 -19.27 -26.57
N TYR A 190 9.79 -18.49 -26.25
CA TYR A 190 9.88 -17.03 -26.20
C TYR A 190 9.40 -16.52 -24.85
N LYS A 191 10.25 -15.76 -24.16
CA LYS A 191 9.81 -15.02 -23.00
C LYS A 191 8.85 -13.89 -23.42
N PRO A 192 7.93 -13.48 -22.54
CA PRO A 192 7.14 -12.28 -22.84
C PRO A 192 8.07 -11.07 -22.97
N VAL A 193 7.83 -10.23 -23.98
CA VAL A 193 8.68 -9.05 -24.11
C VAL A 193 8.30 -7.98 -23.11
N CYS A 194 7.07 -8.01 -22.61
CA CYS A 194 6.56 -6.95 -21.79
C CYS A 194 5.45 -7.48 -20.90
N ASN A 195 5.15 -6.69 -19.87
CA ASN A 195 3.99 -6.86 -19.01
C ASN A 195 3.31 -5.50 -18.93
N GLN A 196 2.14 -5.37 -19.55
CA GLN A 196 1.40 -4.12 -19.53
C GLN A 196 0.48 -4.09 -18.32
N VAL A 197 0.71 -3.17 -17.39
CA VAL A 197 0.01 -3.16 -16.10
C VAL A 197 -0.42 -1.74 -15.72
N GLU A 198 -1.35 -1.64 -14.76
CA GLU A 198 -1.71 -0.33 -14.22
C GLU A 198 -0.50 0.24 -13.48
N CYS A 199 -0.10 1.46 -13.84
CA CYS A 199 1.11 2.02 -13.24
C CYS A 199 1.04 3.54 -13.30
N HIS A 200 1.15 4.18 -12.15
CA HIS A 200 1.08 5.64 -12.02
C HIS A 200 1.66 6.02 -10.67
N PRO A 201 1.86 7.31 -10.39
CA PRO A 201 2.48 7.70 -9.11
C PRO A 201 1.72 7.23 -7.87
N TYR A 202 0.42 6.91 -7.97
CA TYR A 202 -0.30 6.39 -6.81
C TYR A 202 -0.22 4.86 -6.74
N PHE A 203 0.39 4.22 -7.73
CA PHE A 203 0.48 2.76 -7.80
C PHE A 203 1.67 2.45 -8.69
N ASN A 204 2.88 2.73 -8.21
CA ASN A 204 4.02 2.83 -9.12
C ASN A 204 4.67 1.50 -9.44
N ARG A 205 4.23 0.41 -8.82
CA ARG A 205 4.65 -0.96 -9.18
C ARG A 205 6.17 -1.15 -9.09
N SER A 206 6.85 -0.47 -8.15
CA SER A 206 8.30 -0.56 -8.09
C SER A 206 8.77 -2.00 -7.91
N LYS A 207 8.05 -2.78 -7.09
CA LYS A 207 8.45 -4.17 -6.87
C LYS A 207 8.35 -4.98 -8.15
N LEU A 208 7.22 -4.86 -8.86
CA LEU A 208 7.07 -5.56 -10.12
C LEU A 208 8.07 -5.06 -11.15
N LEU A 209 8.36 -3.74 -11.14
CA LEU A 209 9.29 -3.17 -12.09
C LEU A 209 10.69 -3.74 -11.88
N ASP A 210 11.14 -3.85 -10.63
CA ASP A 210 12.44 -4.45 -10.34
C ASP A 210 12.49 -5.90 -10.78
N PHE A 211 11.40 -6.63 -10.60
CA PHE A 211 11.37 -8.02 -11.07
C PHE A 211 11.51 -8.08 -12.59
N CYS A 212 10.68 -7.30 -13.29
CA CYS A 212 10.71 -7.32 -14.76
C CYS A 212 12.08 -6.90 -15.30
N LYS A 213 12.71 -5.88 -14.69
CA LYS A 213 14.04 -5.48 -15.12
C LYS A 213 15.04 -6.62 -14.98
N SER A 214 14.94 -7.41 -13.90
CA SER A 214 15.87 -8.51 -13.72
C SER A 214 15.67 -9.63 -14.75
N LYS A 215 14.54 -9.64 -15.44
CA LYS A 215 14.22 -10.65 -16.44
C LYS A 215 14.27 -10.13 -17.85
N ASP A 216 14.67 -8.86 -18.06
CA ASP A 216 14.67 -8.21 -19.38
C ASP A 216 13.25 -8.13 -19.96
N ILE A 217 12.27 -7.88 -19.09
CA ILE A 217 10.87 -7.71 -19.49
C ILE A 217 10.51 -6.25 -19.28
N VAL A 218 9.97 -5.61 -20.31
CA VAL A 218 9.57 -4.21 -20.23
C VAL A 218 8.24 -4.09 -19.50
N LEU A 219 8.17 -3.21 -18.51
CA LEU A 219 6.90 -2.84 -17.92
C LEU A 219 6.29 -1.70 -18.76
N VAL A 220 5.06 -1.90 -19.22
CA VAL A 220 4.31 -0.89 -19.96
C VAL A 220 3.20 -0.38 -19.06
N ALA A 221 3.12 0.93 -18.88
CA ALA A 221 2.21 1.53 -17.91
C ALA A 221 0.91 1.96 -18.58
N TYR A 222 -0.21 1.46 -18.07
CA TYR A 222 -1.51 1.99 -18.47
C TYR A 222 -2.15 2.72 -17.31
N SER A 223 -3.15 3.56 -17.64
CA SER A 223 -3.73 4.49 -16.66
C SER A 223 -2.64 5.35 -16.03
N ALA A 224 -1.60 5.67 -16.81
CA ALA A 224 -0.51 6.49 -16.30
C ALA A 224 -0.94 7.91 -15.97
N LEU A 225 -2.09 8.35 -16.48
CA LEU A 225 -2.62 9.66 -16.15
C LEU A 225 -3.77 9.58 -15.14
N GLY A 226 -3.94 8.44 -14.48
CA GLY A 226 -4.96 8.30 -13.46
C GLY A 226 -6.25 7.62 -13.89
N SER A 227 -6.29 7.04 -15.09
CA SER A 227 -7.46 6.35 -15.65
C SER A 227 -8.55 7.33 -16.10
N GLN A 228 -9.52 6.84 -16.85
CA GLN A 228 -10.63 7.68 -17.30
C GLN A 228 -11.74 7.75 -16.25
N ARG A 229 -11.54 7.11 -15.10
CA ARG A 229 -12.45 7.17 -13.96
C ARG A 229 -13.86 6.72 -14.33
N ASP A 230 -13.94 5.66 -15.13
CA ASP A 230 -15.24 5.13 -15.53
C ASP A 230 -16.03 4.67 -14.30
N LYS A 231 -17.29 5.10 -14.22
CA LYS A 231 -18.08 4.81 -13.04
C LYS A 231 -18.33 3.32 -12.84
N ARG A 232 -18.21 2.50 -13.90
CA ARG A 232 -18.43 1.07 -13.73
C ARG A 232 -17.40 0.43 -12.80
N TRP A 233 -16.18 0.97 -12.74
CA TRP A 233 -15.12 0.34 -11.97
C TRP A 233 -14.33 1.24 -11.06
N VAL A 234 -14.41 2.56 -11.19
CA VAL A 234 -13.55 3.46 -10.42
C VAL A 234 -14.39 4.14 -9.36
N ASP A 235 -13.93 4.07 -8.13
CA ASP A 235 -14.59 4.69 -6.99
C ASP A 235 -14.54 6.21 -7.15
N PRO A 236 -15.69 6.90 -7.20
CA PRO A 236 -15.66 8.35 -7.37
C PRO A 236 -14.91 9.07 -6.26
N ASN A 237 -14.80 8.47 -5.07
CA ASN A 237 -14.09 9.07 -3.96
C ASN A 237 -12.59 8.80 -3.98
N SER A 238 -12.09 8.10 -4.99
CA SER A 238 -10.65 7.96 -5.12
C SER A 238 -10.03 9.29 -5.53
N PRO A 239 -8.82 9.58 -5.07
CA PRO A 239 -8.21 10.87 -5.41
C PRO A 239 -7.94 10.94 -6.90
N VAL A 240 -8.08 12.14 -7.46
CA VAL A 240 -7.79 12.40 -8.86
C VAL A 240 -6.29 12.61 -9.01
N LEU A 241 -5.64 11.73 -9.79
CA LEU A 241 -4.18 11.76 -9.87
C LEU A 241 -3.66 13.12 -10.32
N LEU A 242 -4.27 13.70 -11.37
CA LEU A 242 -3.71 14.92 -11.95
C LEU A 242 -3.99 16.14 -11.10
N GLU A 243 -4.75 16.00 -10.02
CA GLU A 243 -4.92 17.07 -9.05
C GLU A 243 -3.96 16.93 -7.87
N ASP A 244 -2.98 16.03 -7.95
CA ASP A 244 -2.08 15.81 -6.82
C ASP A 244 -1.23 17.05 -6.56
N PRO A 245 -1.12 17.49 -5.30
CA PRO A 245 -0.37 18.74 -5.02
C PRO A 245 1.10 18.67 -5.44
N VAL A 246 1.75 17.52 -5.25
CA VAL A 246 3.15 17.38 -5.66
C VAL A 246 3.27 17.45 -7.17
N LEU A 247 2.44 16.70 -7.90
CA LEU A 247 2.48 16.76 -9.36
C LEU A 247 2.17 18.16 -9.87
N CYS A 248 1.24 18.86 -9.21
CA CYS A 248 0.88 20.19 -9.70
C CYS A 248 1.98 21.20 -9.42
N ALA A 249 2.66 21.07 -8.28
CA ALA A 249 3.78 21.96 -8.00
C ALA A 249 4.93 21.69 -8.97
N LEU A 250 5.18 20.41 -9.29
CA LEU A 250 6.23 20.10 -10.25
C LEU A 250 5.90 20.67 -11.63
N ALA A 251 4.60 20.64 -12.00
CA ALA A 251 4.17 21.19 -13.27
C ALA A 251 4.44 22.69 -13.35
N LYS A 252 4.18 23.41 -12.26
CA LYS A 252 4.44 24.84 -12.24
C LYS A 252 5.93 25.15 -12.28
N LYS A 253 6.74 24.37 -11.55
CA LYS A 253 8.18 24.62 -11.54
C LYS A 253 8.79 24.40 -12.91
N HIS A 254 8.31 23.39 -13.64
CA HIS A 254 8.83 23.07 -14.96
C HIS A 254 8.09 23.78 -16.08
N LYS A 255 7.06 24.56 -15.77
CA LYS A 255 6.20 25.19 -16.79
C LYS A 255 5.64 24.15 -17.74
N ARG A 256 5.26 22.99 -17.20
CA ARG A 256 4.59 21.97 -17.97
C ARG A 256 3.19 21.75 -17.41
N THR A 257 2.65 20.55 -17.56
CA THR A 257 1.36 20.18 -17.01
C THR A 257 1.50 18.98 -16.10
N PRO A 258 0.54 18.75 -15.20
CA PRO A 258 0.63 17.56 -14.34
C PRO A 258 0.67 16.26 -15.15
N ALA A 259 -0.07 16.19 -16.26
CA ALA A 259 0.00 15.01 -17.12
C ALA A 259 1.42 14.78 -17.64
N LEU A 260 2.07 15.85 -18.12
CA LEU A 260 3.43 15.71 -18.63
C LEU A 260 4.40 15.27 -17.54
N ILE A 261 4.20 15.70 -16.29
CA ILE A 261 5.03 15.20 -15.20
C ILE A 261 4.82 13.71 -15.00
N ALA A 262 3.57 13.27 -15.01
CA ALA A 262 3.27 11.86 -14.81
C ALA A 262 3.88 10.99 -15.91
N LEU A 263 3.82 11.46 -17.17
CA LEU A 263 4.40 10.68 -18.27
C LEU A 263 5.92 10.64 -18.19
N ARG A 264 6.54 11.79 -17.88
CA ARG A 264 8.00 11.85 -17.82
C ARG A 264 8.55 11.03 -16.67
N TYR A 265 7.82 10.95 -15.56
CA TYR A 265 8.20 10.10 -14.45
C TYR A 265 8.46 8.67 -14.93
N GLN A 266 7.53 8.14 -15.74
CA GLN A 266 7.66 6.77 -16.20
C GLN A 266 8.86 6.62 -17.14
N LEU A 267 9.07 7.57 -18.04
CA LEU A 267 10.18 7.44 -18.98
C LEU A 267 11.53 7.40 -18.26
N GLN A 268 11.67 8.17 -17.20
CA GLN A 268 12.96 8.24 -16.52
C GLN A 268 13.24 7.03 -15.63
N ARG A 269 12.22 6.27 -15.26
CA ARG A 269 12.44 5.03 -14.51
C ARG A 269 12.44 3.78 -15.39
N GLY A 270 12.51 3.95 -16.71
CA GLY A 270 12.61 2.81 -17.61
C GLY A 270 11.31 2.11 -17.94
N VAL A 271 10.18 2.78 -17.76
CA VAL A 271 8.85 2.23 -18.07
C VAL A 271 8.37 2.81 -19.39
N VAL A 272 7.82 1.96 -20.25
CA VAL A 272 7.18 2.44 -21.47
C VAL A 272 5.77 2.90 -21.10
N VAL A 273 5.38 4.09 -21.56
CA VAL A 273 4.17 4.71 -21.03
C VAL A 273 3.13 4.91 -22.13
N LEU A 274 1.89 4.55 -21.82
CA LEU A 274 0.75 4.83 -22.68
C LEU A 274 0.05 6.11 -22.20
N ALA A 275 -0.56 6.82 -23.15
CA ALA A 275 -1.37 7.99 -22.84
C ALA A 275 -2.58 8.00 -23.76
N LYS A 276 -3.77 7.97 -23.18
CA LYS A 276 -5.01 8.09 -23.96
C LYS A 276 -5.45 9.55 -23.95
N SER A 277 -5.73 10.09 -25.13
CA SER A 277 -6.49 11.33 -25.21
C SER A 277 -7.31 11.32 -26.47
N TYR A 278 -8.55 11.79 -26.37
CA TYR A 278 -9.38 11.98 -27.54
C TYR A 278 -9.57 13.46 -27.85
N ASN A 279 -8.67 14.31 -27.34
CA ASN A 279 -8.70 15.75 -27.54
C ASN A 279 -7.44 16.16 -28.30
N GLU A 280 -7.63 16.85 -29.44
CA GLU A 280 -6.47 17.13 -30.30
C GLU A 280 -5.37 17.85 -29.54
N GLN A 281 -5.74 18.85 -28.75
CA GLN A 281 -4.71 19.65 -28.08
C GLN A 281 -3.98 18.87 -26.98
N ARG A 282 -4.66 17.95 -26.28
CA ARG A 282 -3.94 17.15 -25.29
C ARG A 282 -3.09 16.07 -25.95
N ILE A 283 -3.56 15.51 -27.06
CA ILE A 283 -2.75 14.56 -27.82
C ILE A 283 -1.41 15.17 -28.20
N ARG A 284 -1.44 16.39 -28.73
CA ARG A 284 -0.22 17.07 -29.14
C ARG A 284 0.61 17.52 -27.94
N GLN A 285 -0.04 17.89 -26.84
CA GLN A 285 0.70 18.22 -25.62
C GLN A 285 1.48 17.00 -25.11
N ASN A 286 0.89 15.81 -25.21
CA ASN A 286 1.51 14.65 -24.58
C ASN A 286 2.83 14.28 -25.27
N VAL A 287 2.99 14.59 -26.55
CA VAL A 287 4.27 14.30 -27.22
C VAL A 287 5.37 15.23 -26.72
N GLN A 288 5.02 16.32 -26.02
CA GLN A 288 6.07 17.19 -25.47
C GLN A 288 6.79 16.58 -24.28
N VAL A 289 6.46 15.35 -23.90
CA VAL A 289 7.14 14.68 -22.79
C VAL A 289 8.63 14.54 -23.07
N PHE A 290 9.02 14.47 -24.34
CA PHE A 290 10.44 14.35 -24.65
C PHE A 290 11.19 15.67 -24.53
N GLU A 291 10.51 16.78 -24.27
CA GLU A 291 11.13 18.10 -24.35
C GLU A 291 11.81 18.55 -23.07
N PHE A 292 11.60 17.86 -21.95
CA PHE A 292 12.11 18.32 -20.67
C PHE A 292 12.51 17.12 -19.82
N GLN A 293 13.11 17.43 -18.68
CA GLN A 293 13.56 16.34 -17.80
C GLN A 293 13.28 16.65 -16.33
N LEU A 294 12.89 15.63 -15.60
CA LEU A 294 12.74 15.72 -14.15
C LEU A 294 14.10 15.56 -13.47
N THR A 295 14.33 16.35 -12.41
CA THR A 295 15.58 16.15 -11.67
C THR A 295 15.50 14.88 -10.82
N ALA A 296 16.65 14.47 -10.28
CA ALA A 296 16.65 13.30 -9.39
C ALA A 296 15.79 13.56 -8.16
N GLU A 297 15.80 14.78 -7.64
CA GLU A 297 14.98 15.08 -6.47
C GLU A 297 13.49 15.08 -6.82
N ASP A 298 13.14 15.55 -8.01
CA ASP A 298 11.76 15.45 -8.48
C ASP A 298 11.31 14.00 -8.54
N MET A 299 12.17 13.12 -9.07
CA MET A 299 11.82 11.71 -9.18
C MET A 299 11.56 11.10 -7.80
N LYS A 300 12.41 11.42 -6.82
CA LYS A 300 12.20 10.86 -5.48
C LYS A 300 10.90 11.38 -4.88
N ALA A 301 10.58 12.65 -5.12
CA ALA A 301 9.31 13.20 -4.62
C ALA A 301 8.12 12.43 -5.17
N ILE A 302 8.14 12.15 -6.48
CA ILE A 302 7.03 11.40 -7.07
C ILE A 302 7.02 9.96 -6.59
N ASP A 303 8.21 9.36 -6.41
CA ASP A 303 8.31 8.02 -5.83
C ASP A 303 7.56 7.95 -4.51
N GLY A 304 7.59 9.04 -3.73
CA GLY A 304 6.92 9.09 -2.45
C GLY A 304 5.40 9.12 -2.49
N LEU A 305 4.79 9.20 -3.67
CA LEU A 305 3.33 9.33 -3.75
C LEU A 305 2.59 8.00 -3.73
N ASP A 306 3.29 6.87 -3.81
CA ASP A 306 2.65 5.56 -3.92
C ASP A 306 1.61 5.34 -2.83
N ARG A 307 0.41 4.92 -3.22
CA ARG A 307 -0.68 4.66 -2.28
C ARG A 307 -1.24 3.26 -2.44
N ASN A 308 -0.62 2.40 -3.26
CA ASN A 308 -1.16 1.08 -3.60
C ASN A 308 -2.60 1.20 -4.12
N LEU A 309 -2.87 2.23 -4.90
CA LEU A 309 -4.22 2.53 -5.37
C LEU A 309 -4.37 2.06 -6.81
N HIS A 310 -5.04 0.94 -7.02
CA HIS A 310 -5.45 0.59 -8.37
C HIS A 310 -6.84 1.16 -8.59
N TYR A 311 -6.99 1.99 -9.62
CA TYR A 311 -8.25 2.66 -9.85
C TYR A 311 -9.36 1.67 -10.19
N PHE A 312 -9.03 0.53 -10.80
CA PHE A 312 -10.03 -0.46 -11.19
C PHE A 312 -10.24 -1.40 -10.02
N ASN A 313 -11.40 -1.32 -9.40
CA ASN A 313 -11.70 -2.08 -8.20
C ASN A 313 -13.12 -2.58 -8.31
N SER A 314 -13.29 -3.89 -8.27
CA SER A 314 -14.60 -4.50 -8.39
C SER A 314 -14.55 -5.93 -7.87
N ASP A 315 -15.61 -6.34 -7.17
CA ASP A 315 -15.64 -7.71 -6.69
C ASP A 315 -15.84 -8.72 -7.81
N SER A 316 -16.14 -8.27 -9.02
CA SER A 316 -16.10 -9.17 -10.18
C SER A 316 -14.67 -9.55 -10.52
N PHE A 317 -13.72 -8.61 -10.36
CA PHE A 317 -12.31 -8.97 -10.53
C PHE A 317 -11.81 -9.77 -9.33
N ALA A 318 -12.05 -9.24 -8.12
CA ALA A 318 -11.40 -9.76 -6.93
C ALA A 318 -11.81 -11.19 -6.60
N SER A 319 -12.93 -11.67 -7.10
CA SER A 319 -13.37 -13.03 -6.85
C SER A 319 -12.79 -14.04 -7.85
N HIS A 320 -12.13 -13.57 -8.90
CA HIS A 320 -11.55 -14.48 -9.87
C HIS A 320 -10.31 -15.17 -9.29
N PRO A 321 -10.13 -16.47 -9.54
CA PRO A 321 -8.95 -17.15 -8.99
C PRO A 321 -7.62 -16.60 -9.48
N ASN A 322 -7.58 -16.02 -10.67
CA ASN A 322 -6.37 -15.44 -11.23
C ASN A 322 -6.29 -13.92 -11.05
N TYR A 323 -7.13 -13.35 -10.19
CA TYR A 323 -7.04 -11.93 -9.87
C TYR A 323 -5.59 -11.60 -9.47
N PRO A 324 -4.97 -10.61 -10.11
CA PRO A 324 -3.54 -10.37 -9.88
C PRO A 324 -3.20 -9.58 -8.63
N TYR A 325 -4.17 -8.95 -7.97
CA TYR A 325 -3.86 -8.13 -6.81
C TYR A 325 -4.14 -8.89 -5.52
N SER A 326 -3.76 -8.27 -4.40
CA SER A 326 -4.01 -8.83 -3.07
C SER A 326 -3.49 -7.89 -1.99
N LYS B 10 15.41 15.67 20.04
CA LYS B 10 14.17 15.26 19.36
C LYS B 10 14.27 13.82 18.87
N HIS B 11 15.49 13.30 18.79
CA HIS B 11 15.74 11.90 18.46
C HIS B 11 16.35 11.16 19.64
N GLN B 12 15.93 11.55 20.84
CA GLN B 12 16.36 10.84 22.05
C GLN B 12 15.79 9.44 22.07
N CYS B 13 16.62 8.48 22.48
CA CYS B 13 16.25 7.08 22.57
C CYS B 13 16.62 6.54 23.94
N VAL B 14 15.98 5.44 24.32
CA VAL B 14 16.37 4.68 25.51
C VAL B 14 16.91 3.33 25.06
N LYS B 15 17.92 2.83 25.76
CA LYS B 15 18.50 1.53 25.45
C LYS B 15 17.64 0.44 26.07
N LEU B 16 17.16 -0.49 25.24
CA LEU B 16 16.34 -1.61 25.71
C LEU B 16 17.24 -2.71 26.29
N ASN B 17 16.62 -3.63 27.03
CA ASN B 17 17.47 -4.61 27.74
C ASN B 17 18.10 -5.63 26.80
N ASP B 18 17.78 -5.62 25.50
CA ASP B 18 18.41 -6.47 24.51
C ASP B 18 19.44 -5.73 23.65
N GLY B 19 19.81 -4.52 24.04
CA GLY B 19 20.80 -3.75 23.29
C GLY B 19 20.24 -2.80 22.26
N HIS B 20 18.98 -2.95 21.85
CA HIS B 20 18.39 -2.07 20.85
C HIS B 20 17.94 -0.76 21.48
N PHE B 21 17.66 0.22 20.61
CA PHE B 21 17.32 1.57 21.04
C PHE B 21 15.91 1.93 20.57
N MET B 22 15.14 2.56 21.46
CA MET B 22 13.75 2.94 21.18
C MET B 22 13.59 4.45 21.34
N PRO B 23 13.08 5.17 20.33
CA PRO B 23 12.86 6.62 20.52
C PRO B 23 11.80 6.86 21.61
N VAL B 24 12.05 7.87 22.43
CA VAL B 24 11.21 8.05 23.63
C VAL B 24 9.86 8.65 23.32
N LEU B 25 9.66 9.22 22.14
CA LEU B 25 8.37 9.73 21.69
C LEU B 25 7.89 8.90 20.50
N GLY B 26 6.70 8.31 20.60
CA GLY B 26 6.14 7.51 19.52
C GLY B 26 4.82 8.06 19.04
N PHE B 27 4.50 7.77 17.77
CA PHE B 27 3.27 8.20 17.13
C PHE B 27 2.22 7.09 17.18
N GLY B 28 1.06 7.38 17.76
CA GLY B 28 -0.01 6.40 17.85
C GLY B 28 -0.87 6.42 16.60
N THR B 29 -1.10 5.25 16.01
CA THR B 29 -1.81 5.21 14.73
C THR B 29 -3.25 4.71 14.80
N TYR B 30 -3.76 4.29 15.96
CA TYR B 30 -5.12 3.76 15.97
C TYR B 30 -6.13 4.87 15.71
N ALA B 31 -7.03 4.62 14.76
CA ALA B 31 -8.22 5.42 14.56
C ALA B 31 -9.40 4.48 14.45
N PRO B 32 -10.58 4.90 14.93
CA PRO B 32 -11.78 4.05 14.87
C PRO B 32 -12.15 3.71 13.43
N PRO B 33 -12.86 2.60 13.22
CA PRO B 33 -13.12 2.15 11.84
C PRO B 33 -13.91 3.14 10.99
N GLU B 34 -14.67 4.05 11.61
CA GLU B 34 -15.37 5.06 10.83
C GLU B 34 -14.41 6.05 10.16
N VAL B 35 -13.14 6.05 10.53
CA VAL B 35 -12.15 6.89 9.84
C VAL B 35 -11.67 6.16 8.59
N PRO B 36 -11.70 6.79 7.42
CA PRO B 36 -11.25 6.11 6.20
C PRO B 36 -9.80 5.66 6.32
N ARG B 37 -9.53 4.47 5.77
CA ARG B 37 -8.19 3.86 5.89
C ARG B 37 -7.09 4.74 5.31
N SER B 38 -7.39 5.47 4.23
CA SER B 38 -6.36 6.31 3.62
C SER B 38 -5.81 7.35 4.60
N LYS B 39 -6.57 7.72 5.64
CA LYS B 39 -6.10 8.74 6.56
C LYS B 39 -4.84 8.29 7.29
N ALA B 40 -4.73 7.00 7.63
CA ALA B 40 -3.54 6.54 8.34
C ALA B 40 -2.28 6.74 7.49
N LEU B 41 -2.37 6.48 6.19
CA LEU B 41 -1.25 6.77 5.31
C LEU B 41 -0.86 8.24 5.39
N GLU B 42 -1.84 9.13 5.27
CA GLU B 42 -1.55 10.56 5.22
C GLU B 42 -0.93 11.05 6.52
N VAL B 43 -1.50 10.67 7.66
CA VAL B 43 -1.01 11.23 8.92
C VAL B 43 0.31 10.59 9.35
N THR B 44 0.55 9.32 9.01
CA THR B 44 1.84 8.75 9.35
C THR B 44 2.97 9.43 8.58
N LYS B 45 2.71 9.80 7.32
CA LYS B 45 3.68 10.61 6.59
C LYS B 45 3.90 11.96 7.26
N LEU B 46 2.82 12.59 7.72
CA LEU B 46 2.94 13.89 8.39
C LEU B 46 3.73 13.75 9.68
N ALA B 47 3.53 12.63 10.39
CA ALA B 47 4.24 12.41 11.65
C ALA B 47 5.74 12.27 11.42
N ILE B 48 6.12 11.48 10.42
CA ILE B 48 7.54 11.34 10.08
C ILE B 48 8.11 12.69 9.64
N GLU B 49 7.35 13.43 8.82
CA GLU B 49 7.79 14.77 8.42
C GLU B 49 8.03 15.65 9.63
N ALA B 50 7.19 15.51 10.66
CA ALA B 50 7.28 16.38 11.83
C ALA B 50 8.45 16.03 12.73
N GLY B 51 8.96 14.80 12.67
CA GLY B 51 10.07 14.38 13.48
C GLY B 51 9.86 13.06 14.19
N PHE B 52 8.66 12.49 14.10
CA PHE B 52 8.42 11.19 14.73
C PHE B 52 9.24 10.11 14.02
N ARG B 53 9.87 9.25 14.80
CA ARG B 53 10.63 8.13 14.30
C ARG B 53 10.15 6.79 14.84
N HIS B 54 9.32 6.81 15.87
CA HIS B 54 8.76 5.65 16.54
C HIS B 54 7.28 5.62 16.17
N ILE B 55 6.84 4.54 15.52
CA ILE B 55 5.49 4.43 14.97
C ILE B 55 4.86 3.17 15.54
N ASP B 56 3.72 3.33 16.21
CA ASP B 56 3.07 2.24 16.94
C ASP B 56 1.82 1.81 16.16
N SER B 57 1.83 0.57 15.68
CA SER B 57 0.67 -0.01 15.01
C SER B 57 0.35 -1.36 15.63
N ALA B 58 -0.50 -2.15 14.97
CA ALA B 58 -0.98 -3.42 15.50
C ALA B 58 -1.92 -4.06 14.49
N HIS B 59 -1.99 -5.39 14.51
CA HIS B 59 -2.92 -6.07 13.63
C HIS B 59 -4.35 -5.58 13.84
N LEU B 60 -4.72 -5.34 15.11
CA LEU B 60 -6.08 -4.93 15.43
C LEU B 60 -6.48 -3.64 14.74
N TYR B 61 -5.51 -2.74 14.48
CA TYR B 61 -5.86 -1.42 14.00
C TYR B 61 -6.30 -1.42 12.54
N ASN B 62 -6.09 -2.52 11.83
CA ASN B 62 -6.49 -2.59 10.43
C ASN B 62 -5.88 -1.45 9.61
N ASN B 63 -4.59 -1.15 9.86
CA ASN B 63 -3.97 -0.06 9.15
C ASN B 63 -2.52 -0.35 8.77
N GLU B 64 -2.05 -1.60 8.89
CA GLU B 64 -0.64 -1.85 8.68
C GLU B 64 -0.19 -1.62 7.22
N GLU B 65 -1.06 -1.85 6.26
CA GLU B 65 -0.68 -1.56 4.86
C GLU B 65 -0.44 -0.05 4.69
N GLN B 66 -1.30 0.76 5.30
CA GLN B 66 -1.25 2.21 5.17
C GLN B 66 -0.05 2.76 5.92
N VAL B 67 0.16 2.27 7.15
CA VAL B 67 1.32 2.71 7.91
C VAL B 67 2.60 2.26 7.21
N GLY B 68 2.62 1.02 6.71
CA GLY B 68 3.78 0.55 5.98
C GLY B 68 4.02 1.35 4.70
N LEU B 69 2.93 1.76 4.02
CA LEU B 69 3.07 2.61 2.84
C LEU B 69 3.64 3.98 3.18
N ALA B 70 3.30 4.51 4.35
CA ALA B 70 3.87 5.80 4.77
C ALA B 70 5.37 5.68 5.01
N ILE B 71 5.80 4.63 5.70
CA ILE B 71 7.23 4.43 5.93
C ILE B 71 7.96 4.27 4.61
N ARG B 72 7.41 3.45 3.71
CA ARG B 72 8.01 3.27 2.40
C ARG B 72 8.11 4.59 1.65
N SER B 73 7.09 5.44 1.78
CA SER B 73 7.08 6.71 1.07
C SER B 73 8.20 7.62 1.57
N LYS B 74 8.39 7.69 2.89
CA LYS B 74 9.40 8.58 3.42
C LYS B 74 10.81 8.03 3.24
N ILE B 75 10.95 6.73 3.03
CA ILE B 75 12.22 6.19 2.58
C ILE B 75 12.43 6.49 1.10
N ALA B 76 11.38 6.27 0.29
CA ALA B 76 11.49 6.51 -1.14
C ALA B 76 11.86 7.96 -1.45
N ASP B 77 11.26 8.91 -0.74
CA ASP B 77 11.53 10.30 -1.08
C ASP B 77 12.83 10.82 -0.44
N GLY B 78 13.57 9.95 0.25
CA GLY B 78 14.86 10.29 0.80
C GLY B 78 14.85 10.93 2.18
N SER B 79 13.70 10.98 2.85
CA SER B 79 13.63 11.66 4.15
C SER B 79 14.34 10.85 5.23
N VAL B 80 14.17 9.53 5.21
CA VAL B 80 14.70 8.65 6.24
C VAL B 80 15.16 7.36 5.56
N LYS B 81 15.97 6.59 6.29
CA LYS B 81 16.24 5.22 5.91
C LYS B 81 15.50 4.29 6.86
N ARG B 82 15.33 3.02 6.44
CA ARG B 82 14.61 2.06 7.27
C ARG B 82 15.20 2.00 8.68
N GLU B 83 16.53 2.09 8.80
CA GLU B 83 17.20 2.00 10.09
C GLU B 83 16.86 3.17 11.02
N ASP B 84 16.34 4.28 10.46
CA ASP B 84 15.95 5.45 11.24
C ASP B 84 14.57 5.31 11.87
N ILE B 85 13.79 4.32 11.45
CA ILE B 85 12.40 4.17 11.85
C ILE B 85 12.30 3.02 12.85
N PHE B 86 11.57 3.24 13.94
CA PHE B 86 11.25 2.21 14.93
C PHE B 86 9.78 1.87 14.74
N TYR B 87 9.50 0.69 14.17
CA TYR B 87 8.13 0.27 13.88
C TYR B 87 7.69 -0.85 14.83
N THR B 88 6.57 -0.62 15.51
CA THR B 88 5.97 -1.59 16.42
C THR B 88 4.70 -2.18 15.81
N SER B 89 4.60 -3.52 15.81
CA SER B 89 3.32 -4.18 15.62
C SER B 89 2.99 -5.00 16.84
N LYS B 90 1.77 -5.57 16.84
CA LYS B 90 1.28 -6.30 18.01
C LYS B 90 0.52 -7.54 17.56
N LEU B 91 0.75 -8.64 18.29
CA LEU B 91 0.01 -9.89 18.10
C LEU B 91 -1.38 -9.76 18.71
N TRP B 92 -2.42 -9.95 17.90
CA TRP B 92 -3.76 -9.78 18.46
C TRP B 92 -4.17 -11.03 19.24
N SER B 93 -5.15 -10.86 20.13
CA SER B 93 -5.44 -11.83 21.19
C SER B 93 -6.13 -13.11 20.68
N THR B 94 -6.57 -13.14 19.43
CA THR B 94 -7.04 -14.37 18.82
C THR B 94 -5.90 -15.23 18.30
N PHE B 95 -4.66 -14.76 18.37
CA PHE B 95 -3.49 -15.48 17.86
C PHE B 95 -2.52 -15.87 18.96
N HIS B 96 -3.01 -16.04 20.20
CA HIS B 96 -2.13 -16.38 21.31
C HIS B 96 -1.62 -17.83 21.26
N ARG B 97 -2.34 -18.73 20.62
CA ARG B 97 -1.86 -20.11 20.60
C ARG B 97 -0.53 -20.17 19.85
N PRO B 98 0.46 -20.91 20.37
CA PRO B 98 1.84 -20.76 19.88
C PRO B 98 2.00 -20.95 18.38
N GLU B 99 1.28 -21.92 17.79
CA GLU B 99 1.43 -22.19 16.37
C GLU B 99 0.91 -21.05 15.50
N LEU B 100 0.13 -20.14 16.07
CA LEU B 100 -0.40 -19.01 15.31
C LEU B 100 0.49 -17.78 15.37
N VAL B 101 1.51 -17.76 16.22
CA VAL B 101 2.22 -16.51 16.48
C VAL B 101 3.07 -16.10 15.28
N ARG B 102 3.94 -17.00 14.82
CA ARG B 102 4.82 -16.63 13.71
C ARG B 102 4.04 -16.31 12.44
N PRO B 103 3.04 -17.10 12.01
CA PRO B 103 2.26 -16.69 10.83
C PRO B 103 1.59 -15.33 10.97
N ALA B 104 1.17 -14.96 12.19
CA ALA B 104 0.56 -13.65 12.38
C ALA B 104 1.59 -12.54 12.19
N LEU B 105 2.81 -12.74 12.70
CA LEU B 105 3.86 -11.76 12.46
C LEU B 105 4.23 -11.68 10.98
N GLU B 106 4.43 -12.83 10.33
CA GLU B 106 4.71 -12.80 8.90
C GLU B 106 3.60 -12.12 8.10
N ASN B 107 2.34 -12.29 8.53
CA ASN B 107 1.24 -11.59 7.86
C ASN B 107 1.34 -10.09 8.04
N SER B 108 1.66 -9.63 9.26
CA SER B 108 1.83 -8.19 9.49
C SER B 108 2.97 -7.63 8.65
N LEU B 109 4.09 -8.35 8.55
CA LEU B 109 5.22 -7.90 7.74
C LEU B 109 4.83 -7.81 6.27
N LYS B 110 4.08 -8.80 5.78
CA LYS B 110 3.64 -8.79 4.40
C LYS B 110 2.72 -7.62 4.12
N LYS B 111 1.78 -7.35 5.03
CA LYS B 111 0.90 -6.21 4.86
C LYS B 111 1.67 -4.90 4.86
N ALA B 112 2.61 -4.75 5.81
CA ALA B 112 3.39 -3.52 5.94
C ALA B 112 4.51 -3.42 4.93
N GLN B 113 4.79 -4.50 4.19
CA GLN B 113 5.92 -4.56 3.26
C GLN B 113 7.24 -4.27 3.97
N LEU B 114 7.47 -4.94 5.09
CA LEU B 114 8.70 -4.81 5.84
C LEU B 114 9.34 -6.18 5.98
N ASP B 115 10.67 -6.19 6.07
CA ASP B 115 11.37 -7.44 6.33
C ASP B 115 11.38 -7.77 7.82
N TYR B 116 11.28 -6.76 8.68
CA TYR B 116 11.32 -6.96 10.13
C TYR B 116 10.50 -5.86 10.79
N VAL B 117 10.03 -6.14 12.00
CA VAL B 117 9.52 -5.06 12.87
C VAL B 117 10.59 -4.78 13.91
N ASP B 118 10.69 -3.52 14.33
CA ASP B 118 11.60 -3.22 15.43
C ASP B 118 11.08 -3.78 16.74
N LEU B 119 9.76 -3.92 16.86
CA LEU B 119 9.17 -4.36 18.13
C LEU B 119 7.86 -5.10 17.87
N TYR B 120 7.75 -6.29 18.43
CA TYR B 120 6.52 -7.07 18.37
C TYR B 120 6.03 -7.31 19.79
N LEU B 121 4.79 -6.91 20.08
CA LEU B 121 4.20 -7.05 21.40
C LEU B 121 3.05 -8.06 21.41
N ILE B 122 2.88 -8.73 22.53
CA ILE B 122 1.59 -9.32 22.87
C ILE B 122 0.64 -8.18 23.23
N HIS B 123 -0.42 -8.01 22.44
CA HIS B 123 -1.26 -6.82 22.56
C HIS B 123 -1.95 -6.77 23.91
N SER B 124 -2.36 -7.93 24.44
CA SER B 124 -3.13 -8.01 25.67
C SER B 124 -3.02 -9.43 26.21
N PRO B 125 -3.09 -9.60 27.52
CA PRO B 125 -3.12 -10.95 28.08
C PRO B 125 -4.48 -11.64 27.99
N MET B 126 -5.51 -10.98 27.47
CA MET B 126 -6.87 -11.53 27.52
C MET B 126 -7.14 -12.29 26.21
N SER B 127 -6.76 -13.56 26.21
CA SER B 127 -6.86 -14.40 25.01
C SER B 127 -8.31 -14.55 24.57
N LEU B 128 -8.51 -14.62 23.26
CA LEU B 128 -9.82 -14.74 22.64
C LEU B 128 -9.83 -15.93 21.69
N LYS B 129 -11.04 -16.41 21.37
CA LYS B 129 -11.20 -17.57 20.50
C LYS B 129 -10.47 -17.37 19.17
N PRO B 130 -9.63 -18.32 18.74
CA PRO B 130 -8.96 -18.19 17.44
C PRO B 130 -9.96 -18.15 16.29
N GLY B 131 -9.60 -17.44 15.24
CA GLY B 131 -10.44 -17.36 14.06
C GLY B 131 -10.20 -16.07 13.30
N GLU B 132 -11.09 -15.79 12.34
CA GLU B 132 -10.93 -14.63 11.47
C GLU B 132 -11.51 -13.35 12.07
N GLU B 133 -12.42 -13.46 13.04
CA GLU B 133 -13.02 -12.27 13.63
C GLU B 133 -12.07 -11.68 14.67
N LEU B 134 -11.91 -10.36 14.64
CA LEU B 134 -11.15 -9.69 15.70
C LEU B 134 -11.85 -9.80 17.03
N SER B 135 -13.19 -9.82 17.02
CA SER B 135 -14.01 -9.86 18.21
C SER B 135 -14.95 -11.05 18.08
N PRO B 136 -14.45 -12.28 18.28
CA PRO B 136 -15.32 -13.45 18.21
C PRO B 136 -16.45 -13.34 19.22
N THR B 137 -17.69 -13.50 18.73
CA THR B 137 -18.89 -13.23 19.51
C THR B 137 -19.83 -14.43 19.43
N ASP B 138 -20.41 -14.81 20.57
CA ASP B 138 -21.29 -15.97 20.62
C ASP B 138 -22.75 -15.58 20.31
N GLU B 139 -23.63 -16.57 20.30
CA GLU B 139 -25.03 -16.34 19.94
C GLU B 139 -25.77 -15.48 20.95
N ASN B 140 -25.17 -15.18 22.09
CA ASN B 140 -25.76 -14.31 23.09
C ASN B 140 -25.10 -12.93 23.12
N GLY B 141 -24.32 -12.59 22.10
CA GLY B 141 -23.68 -11.29 22.00
C GLY B 141 -22.43 -11.13 22.82
N LYS B 142 -21.92 -12.20 23.42
CA LYS B 142 -20.76 -12.14 24.31
C LYS B 142 -19.47 -12.45 23.55
N VAL B 143 -18.41 -11.68 23.84
CA VAL B 143 -17.10 -12.00 23.29
C VAL B 143 -16.65 -13.34 23.85
N ILE B 144 -16.00 -14.16 23.02
CA ILE B 144 -15.65 -15.53 23.39
C ILE B 144 -14.19 -15.57 23.81
N PHE B 145 -13.95 -15.96 25.06
CA PHE B 145 -12.61 -16.05 25.60
C PHE B 145 -11.94 -17.36 25.20
N ASP B 146 -10.61 -17.37 25.29
CA ASP B 146 -9.82 -18.58 25.15
C ASP B 146 -8.88 -18.69 26.33
N ILE B 147 -8.45 -19.90 26.65
CA ILE B 147 -7.49 -20.15 27.73
C ILE B 147 -6.18 -20.57 27.07
N VAL B 148 -5.14 -19.75 27.23
CA VAL B 148 -3.82 -20.02 26.64
C VAL B 148 -2.76 -19.71 27.69
N ASP B 149 -1.85 -20.66 27.91
CA ASP B 149 -0.67 -20.46 28.75
C ASP B 149 0.20 -19.39 28.11
N LEU B 150 0.21 -18.18 28.66
CA LEU B 150 0.92 -17.09 27.98
C LEU B 150 2.42 -17.31 27.93
N CYS B 151 2.96 -18.22 28.75
CA CYS B 151 4.37 -18.57 28.65
C CYS B 151 4.68 -19.28 27.35
N THR B 152 3.73 -20.07 26.82
CA THR B 152 3.94 -20.70 25.52
C THR B 152 3.79 -19.68 24.39
N THR B 153 2.86 -18.72 24.53
CA THR B 153 2.85 -17.61 23.59
C THR B 153 4.22 -16.90 23.60
N TRP B 154 4.74 -16.59 24.78
CA TRP B 154 6.02 -15.90 24.85
C TRP B 154 7.14 -16.71 24.18
N GLU B 155 7.12 -18.04 24.37
CA GLU B 155 8.10 -18.90 23.70
C GLU B 155 8.06 -18.71 22.18
N ALA B 156 6.86 -18.62 21.61
CA ALA B 156 6.75 -18.39 20.16
C ALA B 156 7.23 -17.00 19.78
N MET B 157 6.99 -15.99 20.64
CA MET B 157 7.54 -14.67 20.40
C MET B 157 9.06 -14.69 20.40
N GLU B 158 9.66 -15.44 21.32
CA GLU B 158 11.12 -15.54 21.37
C GLU B 158 11.68 -16.09 20.07
N LYS B 159 10.97 -17.05 19.46
CA LYS B 159 11.44 -17.62 18.20
C LYS B 159 11.39 -16.60 17.07
N CYS B 160 10.42 -15.67 17.10
CA CYS B 160 10.37 -14.60 16.12
C CYS B 160 11.58 -13.68 16.25
N LYS B 161 11.98 -13.35 17.49
CA LYS B 161 13.23 -12.60 17.65
C LYS B 161 14.42 -13.43 17.21
N ASP B 162 14.43 -14.74 17.56
CA ASP B 162 15.49 -15.63 17.09
C ASP B 162 15.67 -15.52 15.58
N ALA B 163 14.56 -15.51 14.84
CA ALA B 163 14.60 -15.52 13.40
C ALA B 163 14.80 -14.14 12.80
N GLY B 164 14.97 -13.11 13.63
CA GLY B 164 15.18 -11.78 13.09
C GLY B 164 13.96 -11.09 12.52
N LEU B 165 12.78 -11.69 12.63
CA LEU B 165 11.57 -11.04 12.14
C LEU B 165 11.15 -9.88 13.04
N ALA B 166 11.53 -9.93 14.30
CA ALA B 166 11.32 -8.85 15.26
C ALA B 166 12.66 -8.58 15.93
N LYS B 167 13.10 -7.32 15.91
CA LYS B 167 14.37 -6.98 16.55
C LYS B 167 14.24 -7.12 18.06
N SER B 168 13.12 -6.68 18.61
CA SER B 168 12.81 -6.77 20.03
C SER B 168 11.39 -7.27 20.23
N ILE B 169 11.15 -7.89 21.40
CA ILE B 169 9.82 -8.37 21.76
C ILE B 169 9.45 -7.86 23.14
N GLY B 170 8.15 -7.62 23.35
CA GLY B 170 7.65 -7.12 24.61
C GLY B 170 6.19 -7.51 24.79
N VAL B 171 5.56 -6.92 25.81
CA VAL B 171 4.16 -7.18 26.11
C VAL B 171 3.40 -5.85 26.25
N SER B 172 2.09 -5.96 26.38
CA SER B 172 1.22 -4.81 26.54
C SER B 172 0.07 -5.21 27.45
N ASN B 173 -0.32 -4.28 28.34
CA ASN B 173 -1.47 -4.45 29.24
C ASN B 173 -1.26 -5.58 30.26
N PHE B 174 -0.01 -5.93 30.56
CA PHE B 174 0.30 -6.88 31.62
C PHE B 174 0.37 -6.13 32.96
N ASN B 175 -0.11 -6.77 34.01
CA ASN B 175 0.15 -6.29 35.36
C ASN B 175 1.39 -6.99 35.92
N ARG B 176 1.73 -6.69 37.18
CA ARG B 176 2.97 -7.22 37.76
C ARG B 176 2.95 -8.74 37.84
N ARG B 177 1.82 -9.31 38.28
CA ARG B 177 1.70 -10.78 38.38
C ARG B 177 1.94 -11.46 37.04
N GLN B 178 1.37 -10.88 35.97
CA GLN B 178 1.53 -11.45 34.63
C GLN B 178 2.94 -11.30 34.10
N LEU B 179 3.60 -10.18 34.42
CA LEU B 179 5.00 -10.01 34.03
C LEU B 179 5.88 -11.02 34.73
N GLU B 180 5.65 -11.24 36.04
CA GLU B 180 6.43 -12.21 36.79
C GLU B 180 6.25 -13.61 36.24
N MET B 181 5.07 -13.94 35.72
CA MET B 181 4.86 -15.25 35.13
C MET B 181 5.84 -15.47 33.98
N ILE B 182 6.04 -14.46 33.14
CA ILE B 182 7.00 -14.57 32.05
C ILE B 182 8.44 -14.48 32.57
N LEU B 183 8.71 -13.52 33.47
CA LEU B 183 10.06 -13.35 33.98
C LEU B 183 10.55 -14.58 34.74
N ASN B 184 9.65 -15.29 35.41
CA ASN B 184 10.02 -16.46 36.20
C ASN B 184 9.90 -17.76 35.42
N LYS B 185 9.68 -17.70 34.12
CA LYS B 185 9.47 -18.91 33.35
C LYS B 185 10.77 -19.69 33.18
N PRO B 186 10.77 -21.02 33.38
CA PRO B 186 11.99 -21.80 33.19
C PRO B 186 12.47 -21.74 31.75
N GLY B 187 13.78 -21.58 31.58
CA GLY B 187 14.36 -21.55 30.25
C GLY B 187 14.08 -20.28 29.47
N LEU B 188 13.77 -19.18 30.16
CA LEU B 188 13.48 -17.91 29.49
C LEU B 188 14.68 -17.45 28.66
N LYS B 189 14.43 -17.09 27.40
CA LYS B 189 15.50 -16.63 26.53
C LYS B 189 15.64 -15.11 26.53
N TYR B 190 14.52 -14.40 26.40
CA TYR B 190 14.52 -12.95 26.33
C TYR B 190 13.47 -12.41 27.29
N LYS B 191 13.86 -11.47 28.15
CA LYS B 191 12.88 -10.70 28.87
C LYS B 191 12.10 -9.82 27.90
N PRO B 192 10.85 -9.46 28.22
CA PRO B 192 10.20 -8.39 27.46
C PRO B 192 11.00 -7.11 27.58
N VAL B 193 11.16 -6.39 26.47
CA VAL B 193 11.85 -5.10 26.56
C VAL B 193 10.94 -4.01 27.11
N CYS B 194 9.63 -4.22 27.05
CA CYS B 194 8.71 -3.18 27.48
C CYS B 194 7.36 -3.79 27.84
N ASN B 195 6.57 -2.98 28.53
CA ASN B 195 5.18 -3.25 28.86
C ASN B 195 4.43 -1.97 28.50
N GLN B 196 3.69 -2.00 27.41
CA GLN B 196 2.90 -0.85 26.97
C GLN B 196 1.55 -0.88 27.68
N VAL B 197 1.28 0.15 28.50
CA VAL B 197 0.10 0.14 29.39
C VAL B 197 -0.56 1.51 29.37
N GLU B 198 -1.82 1.55 29.81
CA GLU B 198 -2.51 2.82 29.96
C GLU B 198 -1.84 3.62 31.06
N CYS B 199 -1.41 4.85 30.75
CA CYS B 199 -0.61 5.62 31.69
C CYS B 199 -0.78 7.10 31.40
N HIS B 200 -1.28 7.85 32.39
CA HIS B 200 -1.56 9.27 32.24
C HIS B 200 -1.69 9.85 33.65
N PRO B 201 -1.81 11.17 33.79
CA PRO B 201 -1.82 11.75 35.15
C PRO B 201 -2.99 11.30 36.03
N TYR B 202 -4.07 10.75 35.46
CA TYR B 202 -5.13 10.23 36.33
C TYR B 202 -4.91 8.78 36.74
N PHE B 203 -3.92 8.10 36.13
CA PHE B 203 -3.65 6.68 36.31
C PHE B 203 -2.17 6.49 35.98
N ASN B 204 -1.28 6.94 36.87
CA ASN B 204 0.11 7.12 36.47
C ASN B 204 0.97 5.86 36.66
N ARG B 205 0.41 4.78 37.20
CA ARG B 205 1.08 3.48 37.27
C ARG B 205 2.42 3.54 38.00
N SER B 206 2.53 4.38 39.03
CA SER B 206 3.84 4.58 39.66
C SER B 206 4.42 3.27 40.20
N LYS B 207 3.58 2.40 40.75
CA LYS B 207 4.15 1.19 41.35
C LYS B 207 4.57 0.19 40.28
N LEU B 208 3.77 0.04 39.23
CA LEU B 208 4.19 -0.80 38.12
C LEU B 208 5.44 -0.23 37.45
N LEU B 209 5.54 1.10 37.35
CA LEU B 209 6.72 1.71 36.77
C LEU B 209 7.97 1.36 37.57
N ASP B 210 7.90 1.42 38.90
CA ASP B 210 9.05 1.03 39.71
C ASP B 210 9.38 -0.43 39.52
N PHE B 211 8.36 -1.29 39.46
CA PHE B 211 8.61 -2.70 39.19
C PHE B 211 9.32 -2.89 37.86
N CYS B 212 8.81 -2.25 36.80
CA CYS B 212 9.43 -2.37 35.49
C CYS B 212 10.87 -1.87 35.51
N LYS B 213 11.10 -0.72 36.16
CA LYS B 213 12.47 -0.21 36.28
C LYS B 213 13.39 -1.21 36.97
N SER B 214 12.86 -1.93 37.97
CA SER B 214 13.70 -2.89 38.69
C SER B 214 14.07 -4.10 37.83
N LYS B 215 13.31 -4.36 36.78
CA LYS B 215 13.54 -5.50 35.89
C LYS B 215 14.19 -5.10 34.56
N ASP B 216 14.60 -3.84 34.40
CA ASP B 216 15.12 -3.35 33.13
C ASP B 216 14.08 -3.49 32.03
N ILE B 217 12.84 -3.16 32.34
CA ILE B 217 11.73 -3.19 31.40
C ILE B 217 11.21 -1.77 31.24
N VAL B 218 11.11 -1.31 30.00
CA VAL B 218 10.64 0.04 29.72
C VAL B 218 9.11 0.06 29.81
N LEU B 219 8.57 1.07 30.50
CA LEU B 219 7.12 1.28 30.47
C LEU B 219 6.80 2.27 29.34
N VAL B 220 5.86 1.89 28.48
CA VAL B 220 5.43 2.72 27.36
C VAL B 220 4.00 3.14 27.62
N ALA B 221 3.75 4.45 27.62
CA ALA B 221 2.44 4.99 27.99
C ALA B 221 1.55 5.12 26.77
N TYR B 222 0.35 4.52 26.82
CA TYR B 222 -0.69 4.81 25.87
C TYR B 222 -1.86 5.50 26.57
N SER B 223 -2.69 6.15 25.76
CA SER B 223 -3.73 7.06 26.28
C SER B 223 -3.11 8.10 27.21
N ALA B 224 -1.88 8.49 26.90
CA ALA B 224 -1.19 9.50 27.69
C ALA B 224 -1.82 10.87 27.55
N LEU B 225 -2.61 11.09 26.50
CA LEU B 225 -3.35 12.33 26.37
C LEU B 225 -4.80 12.19 26.82
N GLY B 226 -5.13 11.10 27.50
CA GLY B 226 -6.46 10.90 28.02
C GLY B 226 -7.35 10.02 27.17
N SER B 227 -6.80 9.39 26.12
CA SER B 227 -7.53 8.48 25.24
C SER B 227 -8.42 9.22 24.25
N GLN B 228 -8.88 8.51 23.24
CA GLN B 228 -9.79 9.08 22.27
C GLN B 228 -11.22 9.13 22.76
N ARG B 229 -11.48 8.64 23.98
CA ARG B 229 -12.80 8.67 24.60
C ARG B 229 -13.84 7.99 23.71
N ASP B 230 -13.46 6.83 23.16
CA ASP B 230 -14.36 6.07 22.33
C ASP B 230 -15.59 5.65 23.14
N LYS B 231 -16.77 5.99 22.61
CA LYS B 231 -18.02 5.78 23.35
C LYS B 231 -18.23 4.31 23.72
N ARG B 232 -17.57 3.38 23.03
CA ARG B 232 -17.80 1.97 23.28
C ARG B 232 -17.16 1.46 24.58
N TRP B 233 -16.11 2.13 25.08
CA TRP B 233 -15.45 1.67 26.29
C TRP B 233 -15.20 2.76 27.33
N VAL B 234 -15.33 4.03 26.99
CA VAL B 234 -15.00 5.12 27.90
C VAL B 234 -16.29 5.81 28.34
N ASP B 235 -16.41 6.01 29.65
CA ASP B 235 -17.61 6.63 30.22
C ASP B 235 -17.65 8.11 29.88
N PRO B 236 -18.72 8.61 29.24
CA PRO B 236 -18.79 10.04 28.90
C PRO B 236 -18.55 11.00 30.06
N ASN B 237 -18.82 10.57 31.30
CA ASN B 237 -18.70 11.46 32.44
C ASN B 237 -17.30 11.49 33.05
N SER B 238 -16.38 10.63 32.58
CA SER B 238 -15.03 10.65 33.09
C SER B 238 -14.36 11.99 32.77
N PRO B 239 -13.43 12.44 33.61
CA PRO B 239 -12.81 13.74 33.37
C PRO B 239 -11.99 13.73 32.09
N VAL B 240 -12.08 14.83 31.34
CA VAL B 240 -11.26 15.05 30.16
C VAL B 240 -9.87 15.46 30.63
N LEU B 241 -8.88 14.59 30.43
CA LEU B 241 -7.54 14.88 30.93
C LEU B 241 -7.01 16.21 30.37
N LEU B 242 -7.18 16.44 29.07
CA LEU B 242 -6.60 17.63 28.45
C LEU B 242 -7.30 18.92 28.86
N GLU B 243 -8.41 18.83 29.60
CA GLU B 243 -9.08 20.02 30.13
C GLU B 243 -8.83 20.19 31.60
N ASP B 244 -7.86 19.46 32.16
CA ASP B 244 -7.61 19.49 33.60
C ASP B 244 -7.05 20.84 34.02
N PRO B 245 -7.51 21.39 35.14
CA PRO B 245 -7.04 22.72 35.57
C PRO B 245 -5.55 22.77 35.89
N VAL B 246 -5.00 21.72 36.51
CA VAL B 246 -3.57 21.72 36.82
C VAL B 246 -2.76 21.71 35.53
N LEU B 247 -3.14 20.88 34.55
CA LEU B 247 -2.45 20.88 33.27
C LEU B 247 -2.61 22.20 32.54
N CYS B 248 -3.80 22.80 32.64
CA CYS B 248 -4.06 24.08 31.98
CA CYS B 248 -4.03 24.07 31.96
C CYS B 248 -3.18 25.18 32.56
N ALA B 249 -3.07 25.24 33.89
CA ALA B 249 -2.24 26.26 34.51
C ALA B 249 -0.77 26.06 34.20
N LEU B 250 -0.31 24.82 34.18
CA LEU B 250 1.09 24.54 33.85
C LEU B 250 1.41 24.93 32.40
N ALA B 251 0.47 24.71 31.48
CA ALA B 251 0.70 25.09 30.08
C ALA B 251 0.85 26.60 29.94
N LYS B 252 0.08 27.36 30.72
CA LYS B 252 0.21 28.82 30.68
C LYS B 252 1.54 29.28 31.26
N LYS B 253 1.93 28.70 32.40
CA LYS B 253 3.22 29.03 33.01
C LYS B 253 4.37 28.82 32.04
N HIS B 254 4.34 27.72 31.28
CA HIS B 254 5.42 27.37 30.37
C HIS B 254 5.19 27.85 28.95
N LYS B 255 4.04 28.48 28.67
CA LYS B 255 3.66 28.86 27.30
C LYS B 255 3.66 27.64 26.38
N ARG B 256 3.06 26.55 26.87
CA ARG B 256 2.89 25.36 26.04
C ARG B 256 1.40 25.03 25.95
N THR B 257 1.07 23.75 25.81
CA THR B 257 -0.31 23.31 25.73
C THR B 257 -0.51 22.19 26.73
N PRO B 258 -1.76 21.93 27.14
CA PRO B 258 -1.99 20.82 28.06
C PRO B 258 -1.45 19.48 27.56
N ALA B 259 -1.59 19.20 26.26
CA ALA B 259 -1.03 17.95 25.74
C ALA B 259 0.48 17.89 25.96
N LEU B 260 1.17 19.02 25.72
CA LEU B 260 2.62 19.03 25.84
C LEU B 260 3.06 18.81 27.29
N ILE B 261 2.31 19.37 28.25
CA ILE B 261 2.61 19.08 29.65
C ILE B 261 2.44 17.60 29.93
N ALA B 262 1.36 16.99 29.43
CA ALA B 262 1.10 15.59 29.72
C ALA B 262 2.18 14.69 29.15
N LEU B 263 2.62 14.99 27.91
CA LEU B 263 3.70 14.21 27.32
C LEU B 263 5.01 14.42 28.07
N ARG B 264 5.33 15.68 28.39
CA ARG B 264 6.58 15.97 29.07
C ARG B 264 6.64 15.29 30.43
N TYR B 265 5.50 15.23 31.13
CA TYR B 265 5.40 14.52 32.39
C TYR B 265 5.98 13.12 32.27
N GLN B 266 5.58 12.38 31.24
CA GLN B 266 6.04 10.99 31.12
C GLN B 266 7.52 10.92 30.84
N LEU B 267 8.02 11.80 29.95
CA LEU B 267 9.44 11.78 29.61
C LEU B 267 10.31 11.95 30.83
N GLN B 268 9.95 12.89 31.72
CA GLN B 268 10.82 13.19 32.85
C GLN B 268 10.75 12.13 33.95
N ARG B 269 9.74 11.26 33.94
CA ARG B 269 9.69 10.16 34.91
C ARG B 269 10.22 8.86 34.31
N GLY B 270 10.90 8.92 33.18
CA GLY B 270 11.51 7.73 32.60
C GLY B 270 10.56 6.85 31.82
N VAL B 271 9.44 7.39 31.38
CA VAL B 271 8.44 6.64 30.62
C VAL B 271 8.55 7.02 29.15
N VAL B 272 8.51 6.03 28.26
CA VAL B 272 8.35 6.27 26.84
C VAL B 272 6.87 6.53 26.54
N VAL B 273 6.57 7.54 25.74
CA VAL B 273 5.20 8.04 25.64
C VAL B 273 4.75 8.01 24.18
N LEU B 274 3.53 7.52 23.96
CA LEU B 274 2.89 7.59 22.66
C LEU B 274 1.93 8.78 22.61
N ALA B 275 1.71 9.29 21.40
CA ALA B 275 0.76 10.38 21.17
C ALA B 275 0.07 10.14 19.84
N LYS B 276 -1.23 9.89 19.88
CA LYS B 276 -2.03 9.77 18.66
C LYS B 276 -2.62 11.13 18.29
N SER B 277 -2.46 11.52 17.03
CA SER B 277 -3.24 12.61 16.47
C SER B 277 -3.36 12.41 14.97
N TYR B 278 -4.58 12.63 14.45
CA TYR B 278 -4.81 12.57 13.02
C TYR B 278 -5.00 13.96 12.44
N ASN B 279 -4.59 14.99 13.18
CA ASN B 279 -4.66 16.39 12.77
C ASN B 279 -3.25 16.92 12.55
N GLU B 280 -2.97 17.43 11.34
CA GLU B 280 -1.62 17.83 10.98
C GLU B 280 -1.02 18.79 11.99
N GLN B 281 -1.81 19.76 12.47
CA GLN B 281 -1.24 20.78 13.35
C GLN B 281 -0.92 20.21 14.73
N ARG B 282 -1.79 19.35 15.26
CA ARG B 282 -1.50 18.79 16.58
C ARG B 282 -0.35 17.80 16.51
N ILE B 283 -0.21 17.08 15.38
CA ILE B 283 0.96 16.23 15.19
C ILE B 283 2.23 17.05 15.30
N ARG B 284 2.28 18.19 14.60
CA ARG B 284 3.49 19.01 14.62
C ARG B 284 3.72 19.65 15.97
N GLN B 285 2.63 19.96 16.70
CA GLN B 285 2.77 20.48 18.04
C GLN B 285 3.44 19.49 18.98
N ASN B 286 3.09 18.21 18.85
CA ASN B 286 3.49 17.25 19.89
C ASN B 286 5.00 17.01 19.91
N VAL B 287 5.70 17.23 18.80
CA VAL B 287 7.15 17.07 18.83
C VAL B 287 7.86 18.18 19.60
N GLN B 288 7.15 19.26 19.94
CA GLN B 288 7.76 20.30 20.77
C GLN B 288 7.98 19.86 22.21
N VAL B 289 7.59 18.63 22.57
CA VAL B 289 7.81 18.14 23.92
C VAL B 289 9.28 18.21 24.30
N PHE B 290 10.18 18.17 23.31
CA PHE B 290 11.61 18.19 23.59
C PHE B 290 12.16 19.59 23.85
N GLU B 291 11.32 20.62 23.76
CA GLU B 291 11.79 22.00 23.76
C GLU B 291 11.71 22.70 25.13
N PHE B 292 11.13 22.07 26.15
CA PHE B 292 11.01 22.70 27.46
C PHE B 292 11.13 21.64 28.55
N GLN B 293 11.20 22.10 29.80
CA GLN B 293 11.37 21.22 30.95
C GLN B 293 10.45 21.63 32.09
N LEU B 294 9.82 20.64 32.71
CA LEU B 294 9.00 20.85 33.90
C LEU B 294 9.88 20.84 35.16
N THR B 295 9.56 21.71 36.12
CA THR B 295 10.29 21.71 37.38
C THR B 295 9.87 20.52 38.24
N ALA B 296 10.66 20.27 39.30
CA ALA B 296 10.30 19.24 40.26
C ALA B 296 8.95 19.55 40.90
N GLU B 297 8.70 20.82 41.24
CA GLU B 297 7.40 21.16 41.80
C GLU B 297 6.27 20.93 40.81
N ASP B 298 6.52 21.22 39.51
CA ASP B 298 5.53 20.91 38.49
C ASP B 298 5.21 19.42 38.46
N MET B 299 6.25 18.58 38.52
CA MET B 299 6.06 17.12 38.47
C MET B 299 5.29 16.61 39.69
N LYS B 300 5.49 17.21 40.86
CA LYS B 300 4.72 16.74 42.01
C LYS B 300 3.27 17.16 41.90
N ALA B 301 3.00 18.31 41.28
CA ALA B 301 1.63 18.75 41.05
C ALA B 301 0.89 17.80 40.12
N ILE B 302 1.56 17.33 39.06
CA ILE B 302 0.94 16.36 38.17
C ILE B 302 0.79 15.02 38.86
N ASP B 303 1.76 14.62 39.69
CA ASP B 303 1.61 13.41 40.49
C ASP B 303 0.35 13.46 41.33
N GLY B 304 -0.01 14.65 41.83
CA GLY B 304 -1.17 14.80 42.68
C GLY B 304 -2.49 14.47 42.00
N LEU B 305 -2.51 14.35 40.68
CA LEU B 305 -3.74 14.09 39.95
C LEU B 305 -4.10 12.61 39.90
N ASP B 306 -3.18 11.73 40.30
CA ASP B 306 -3.42 10.30 40.30
C ASP B 306 -4.72 9.97 41.03
N ARG B 307 -5.61 9.25 40.36
CA ARG B 307 -6.88 8.91 40.95
C ARG B 307 -7.41 7.55 40.47
N ASN B 308 -6.53 6.67 40.00
CA ASN B 308 -6.90 5.30 39.62
C ASN B 308 -8.04 5.27 38.60
N LEU B 309 -7.92 6.08 37.57
CA LEU B 309 -8.92 6.16 36.51
C LEU B 309 -8.36 5.51 35.25
N HIS B 310 -8.82 4.29 34.94
CA HIS B 310 -8.51 3.70 33.64
C HIS B 310 -9.71 3.92 32.73
N TYR B 311 -9.48 4.62 31.62
CA TYR B 311 -10.56 5.08 30.76
C TYR B 311 -11.32 3.93 30.12
N PHE B 312 -10.66 2.81 29.87
CA PHE B 312 -11.30 1.66 29.24
C PHE B 312 -11.89 0.78 30.34
N ASN B 313 -13.21 0.71 30.39
CA ASN B 313 -13.92 -0.01 31.44
C ASN B 313 -15.13 -0.70 30.82
N SER B 314 -15.14 -2.03 30.85
CA SER B 314 -16.20 -2.78 30.19
C SER B 314 -16.33 -4.15 30.81
N ASP B 315 -17.55 -4.68 30.81
CA ASP B 315 -17.81 -5.98 31.41
C ASP B 315 -17.09 -7.11 30.68
N SER B 316 -16.89 -6.97 29.37
CA SER B 316 -16.17 -8.00 28.61
C SER B 316 -14.67 -7.96 28.86
N PHE B 317 -14.14 -6.88 29.43
CA PHE B 317 -12.79 -6.92 29.96
C PHE B 317 -12.78 -7.56 31.34
N ALA B 318 -13.70 -7.10 32.21
CA ALA B 318 -13.57 -7.39 33.63
C ALA B 318 -13.83 -8.84 33.97
N SER B 319 -14.62 -9.56 33.15
CA SER B 319 -14.88 -10.96 33.46
C SER B 319 -13.80 -11.91 32.93
N HIS B 320 -12.85 -11.40 32.17
CA HIS B 320 -11.79 -12.27 31.64
C HIS B 320 -10.85 -12.70 32.77
N PRO B 321 -10.52 -14.00 32.86
CA PRO B 321 -9.55 -14.45 33.88
C PRO B 321 -8.24 -13.67 33.88
N ASN B 322 -7.77 -13.18 32.72
CA ASN B 322 -6.51 -12.47 32.65
C ASN B 322 -6.70 -10.94 32.65
N TYR B 323 -7.86 -10.46 33.06
CA TYR B 323 -8.10 -9.04 33.25
C TYR B 323 -7.01 -8.44 34.14
N PRO B 324 -6.29 -7.41 33.70
CA PRO B 324 -5.09 -7.00 34.45
C PRO B 324 -5.38 -6.04 35.60
N TYR B 325 -6.57 -5.48 35.72
CA TYR B 325 -6.84 -4.45 36.71
C TYR B 325 -7.50 -5.03 37.96
N SER B 326 -7.39 -4.29 39.06
CA SER B 326 -8.00 -4.69 40.32
C SER B 326 -8.80 -3.53 40.92
#